data_8SJW
#
_entry.id   8SJW
#
_cell.length_a   227.624
_cell.length_b   227.624
_cell.length_c   91.414
_cell.angle_alpha   90.000
_cell.angle_beta   90.000
_cell.angle_gamma   120.000
#
_symmetry.space_group_name_H-M   'H 3'
#
loop_
_entity.id
_entity.type
_entity.pdbx_description
1 polymer "DNA (5'-D(P*CP*AP*TP*CP*TP*AP*GP*CP*TP*CP*GP*TP*GP*GP*AP*CP*TP*GP*AP*T)-3')"
2 polymer "DNA (5'-D(*TP*CP*AP*TP*CP*AP*GP*TP*GP*GP*CP*AP*GP*T)-3')"
3 polymer "DNA (5'-D(*GP*AP*AP*CP*TP*GP*CP*CP*TP*GP*AP*AP*TP*TP*AP*CP*TP*GP*AP*CP*CP*G)-3')"
4 polymer 'DNA (28-MER)'
#
loop_
_entity_poly.entity_id
_entity_poly.type
_entity_poly.pdbx_seq_one_letter_code
_entity_poly.pdbx_strand_id
1 'polydeoxyribonucleotide' (DC)(DA)(DT)(DC)(DT)(DA)(DG)(DC)(DT)(DC)(DG)(DT)(DG)(DG)(DA)(DC)(DT)(DG)(DA)(DT) A
2 'polydeoxyribonucleotide' (DT)(DC)(DA)(DT)(DC)(DA)(DG)(DT)(DG)(DG)(DC)(DA)(DG)(DT) B
3 'polydeoxyribonucleotide'
;(DG)(DA)(DA)(DC)(DT)(DG)(DC)(DC)(DT)(DG)(DA)(DA)(DT)(DT)(DA)(DC)(DT)(DG)(DA)(DC)
(DC)(DG)
;
C
4 'polydeoxyribonucleotide'
;(DC)(DG)(DG)(DT)(DC)(DA)(DG)(DT)(DA)(DA)(DT)(DT)(DC)(DA)(DC)(DC)(DA)(DC)(DG)(DA)
(DG)(DC)(DT)(DA)(DG)(DA)(DT)(DG)
;
D
#
loop_
_chem_comp.id
_chem_comp.type
_chem_comp.name
_chem_comp.formula
DA DNA linking 2'-DEOXYADENOSINE-5'-MONOPHOSPHATE 'C10 H14 N5 O6 P'
DC DNA linking 2'-DEOXYCYTIDINE-5'-MONOPHOSPHATE 'C9 H14 N3 O7 P'
DG DNA linking 2'-DEOXYGUANOSINE-5'-MONOPHOSPHATE 'C10 H14 N5 O7 P'
DT DNA linking THYMIDINE-5'-MONOPHOSPHATE 'C10 H15 N2 O8 P'
#